data_5XHR
#
_entry.id   5XHR
#
_cell.length_a   61.160
_cell.length_b   69.330
_cell.length_c   76.850
_cell.angle_alpha   90.00
_cell.angle_beta   90.00
_cell.angle_gamma   90.00
#
_symmetry.space_group_name_H-M   'P 2 21 21'
#
loop_
_entity.id
_entity.type
_entity.pdbx_description
1 polymer Beta-lactamase
2 non-polymer '(2~{R},4~{S})-5,5-dimethyl-2-[(2~{S},3~{R})-3-oxidanyl-1-oxidanylidene-5-thiophen-2-yl-pentan-2-yl]-1,3-thiazolidine-4-carboxylic acid'
3 water water
#
_entity_poly.entity_id   1
_entity_poly.type   'polypeptide(L)'
_entity_poly.pdbx_seq_one_letter_code
;GPGSTPVSEKQLAEVVANTITPLMKAQSVPGMAVAVIYQGKPHYYTFGKADIAANKPVTPQTLFELGSISKTFTGVLGGD
AIARGEISLDDAVTRYWPQLTGKQWQGIRMLDLATYTAGGLPLQVPDEVTDNASLLRFYQNWQPQWKPGTTRLYANASIG
LFGALAVKPSGMPYEQAMTTRVLKPLKLDHTWINVPKAEEAHYAWGYRDGKAVRVSPGMLDAQAYGVKTNVQDMANWVMA
NMAPENVADASLKQGIALAQSRYWRIGSMYQGLGWEMLNWPVEANTVVEGSDSKVALAPLPVAEVNPPAPPVKASWVHKT
GSTGGFGSYVAFIPEKQIGIVMLANTSYPNPARVEAAYHILEALQ
;
_entity_poly.pdbx_strand_id   A
#
loop_
_chem_comp.id
_chem_comp.type
_chem_comp.name
_chem_comp.formula
PXH non-polymer '(2~{R},4~{S})-5,5-dimethyl-2-[(2~{S},3~{R})-3-oxidanyl-1-oxidanylidene-5-thiophen-2-yl-pentan-2-yl]-1,3-thiazolidine-4-carboxylic acid' 'C15 H21 N O4 S2'
#
# COMPACT_ATOMS: atom_id res chain seq x y z
N PRO A 6 -6.17 -13.06 28.40
CA PRO A 6 -5.80 -13.37 27.02
C PRO A 6 -7.02 -13.70 26.16
N VAL A 7 -7.40 -12.79 25.27
CA VAL A 7 -8.60 -12.96 24.45
C VAL A 7 -8.67 -14.36 23.84
N SER A 8 -9.79 -15.04 24.05
CA SER A 8 -10.04 -16.36 23.49
C SER A 8 -9.89 -16.31 21.98
N GLU A 9 -9.61 -17.46 21.38
CA GLU A 9 -9.83 -17.65 19.95
C GLU A 9 -11.29 -17.40 19.56
N LYS A 10 -12.20 -18.10 20.22
CA LYS A 10 -13.62 -18.01 19.94
C LYS A 10 -14.06 -16.56 20.09
N GLN A 11 -13.56 -15.88 21.12
CA GLN A 11 -13.99 -14.52 21.40
C GLN A 11 -13.56 -13.59 20.27
N LEU A 12 -12.37 -13.82 19.75
CA LEU A 12 -11.86 -13.04 18.63
C LEU A 12 -12.73 -13.24 17.39
N ALA A 13 -13.05 -14.50 17.09
CA ALA A 13 -13.96 -14.83 15.98
C ALA A 13 -15.27 -14.06 16.10
N GLU A 14 -15.84 -14.02 17.31
CA GLU A 14 -17.11 -13.34 17.54
C GLU A 14 -16.99 -11.85 17.25
N VAL A 15 -15.95 -11.21 17.79
CA VAL A 15 -15.70 -9.78 17.52
C VAL A 15 -15.63 -9.52 16.02
N VAL A 16 -14.87 -10.35 15.31
CA VAL A 16 -14.76 -10.15 13.86
C VAL A 16 -16.12 -10.33 13.17
N ALA A 17 -16.82 -11.42 13.48
CA ALA A 17 -18.15 -11.62 12.89
C ALA A 17 -19.12 -10.47 13.21
N ASN A 18 -19.14 -10.02 14.47
CA ASN A 18 -20.07 -8.96 14.89
C ASN A 18 -19.76 -7.61 14.28
N THR A 19 -18.53 -7.44 13.79
CA THR A 19 -18.15 -6.17 13.18
C THR A 19 -18.28 -6.25 11.66
N ILE A 20 -17.80 -7.35 11.10
CA ILE A 20 -17.77 -7.51 9.65
C ILE A 20 -19.18 -7.75 9.05
N THR A 21 -20.01 -8.55 9.70
CA THR A 21 -21.32 -8.85 9.10
C THR A 21 -22.22 -7.63 8.94
N PRO A 22 -22.38 -6.80 9.99
CA PRO A 22 -23.15 -5.57 9.74
C PRO A 22 -22.48 -4.63 8.75
N LEU A 23 -21.14 -4.60 8.75
CA LEU A 23 -20.43 -3.73 7.84
C LEU A 23 -20.80 -4.11 6.39
N MET A 24 -20.79 -5.41 6.12
CA MET A 24 -21.03 -5.90 4.76
C MET A 24 -22.48 -5.63 4.36
N LYS A 25 -23.40 -5.82 5.30
CA LYS A 25 -24.78 -5.46 5.07
C LYS A 25 -24.94 -3.96 4.76
N ALA A 26 -24.35 -3.10 5.58
CA ALA A 26 -24.59 -1.66 5.46
C ALA A 26 -23.97 -1.11 4.18
N GLN A 27 -22.82 -1.67 3.81
CA GLN A 27 -22.04 -1.15 2.70
C GLN A 27 -22.24 -1.96 1.42
N SER A 28 -23.16 -2.92 1.44
CA SER A 28 -23.47 -3.71 0.25
C SER A 28 -22.23 -4.42 -0.33
N VAL A 29 -21.45 -5.03 0.56
CA VAL A 29 -20.26 -5.75 0.15
C VAL A 29 -20.56 -7.24 -0.08
N PRO A 30 -20.27 -7.74 -1.30
CA PRO A 30 -20.53 -9.14 -1.61
C PRO A 30 -19.68 -10.12 -0.82
N GLY A 31 -18.39 -9.83 -0.70
CA GLY A 31 -17.45 -10.75 -0.06
C GLY A 31 -16.30 -10.04 0.61
N MET A 32 -15.83 -10.63 1.70
CA MET A 32 -14.64 -10.14 2.37
C MET A 32 -13.78 -11.26 2.86
N ALA A 33 -12.48 -11.02 2.85
CA ALA A 33 -11.55 -11.87 3.60
C ALA A 33 -10.81 -11.01 4.60
N VAL A 34 -10.66 -11.54 5.81
CA VAL A 34 -10.10 -10.79 6.92
C VAL A 34 -9.03 -11.66 7.59
N ALA A 35 -7.89 -11.06 7.89
CA ALA A 35 -6.91 -11.72 8.72
C ALA A 35 -6.67 -10.86 9.92
N VAL A 36 -6.54 -11.47 11.09
CA VAL A 36 -6.10 -10.75 12.30
C VAL A 36 -4.82 -11.44 12.78
N ILE A 37 -3.77 -10.65 12.95
CA ILE A 37 -2.51 -11.14 13.50
C ILE A 37 -2.45 -10.86 15.00
N TYR A 38 -2.28 -11.91 15.78
CA TYR A 38 -2.43 -11.85 17.23
C TYR A 38 -1.53 -12.97 17.74
N GLN A 39 -0.66 -12.65 18.68
CA GLN A 39 0.17 -13.65 19.36
C GLN A 39 0.94 -14.52 18.37
N GLY A 40 1.51 -13.87 17.35
CA GLY A 40 2.51 -14.49 16.49
C GLY A 40 1.98 -15.25 15.28
N LYS A 41 0.69 -15.19 15.04
CA LYS A 41 0.13 -15.90 13.89
C LYS A 41 -1.13 -15.25 13.35
N PRO A 42 -1.45 -15.51 12.08
CA PRO A 42 -2.65 -14.98 11.48
C PRO A 42 -3.85 -15.86 11.76
N HIS A 43 -4.99 -15.22 11.89
CA HIS A 43 -6.28 -15.89 12.01
C HIS A 43 -7.13 -15.42 10.86
N TYR A 44 -7.76 -16.34 10.15
CA TYR A 44 -8.51 -16.01 8.93
C TYR A 44 -10.03 -16.11 9.11
N TYR A 45 -10.75 -15.17 8.51
CA TYR A 45 -12.21 -15.13 8.53
C TYR A 45 -12.71 -14.77 7.13
N THR A 46 -13.58 -15.58 6.55
CA THR A 46 -14.03 -15.29 5.20
C THR A 46 -15.52 -15.16 5.19
N PHE A 47 -16.03 -14.31 4.30
CA PHE A 47 -17.44 -13.97 4.30
C PHE A 47 -17.91 -13.80 2.86
N GLY A 48 -19.07 -14.36 2.56
CA GLY A 48 -19.78 -14.04 1.34
C GLY A 48 -19.12 -14.55 0.07
N LYS A 49 -19.33 -13.82 -1.02
N LYS A 49 -19.33 -13.81 -1.02
CA LYS A 49 -19.10 -14.34 -2.37
CA LYS A 49 -19.09 -14.32 -2.37
C LYS A 49 -18.01 -13.55 -3.08
C LYS A 49 -17.99 -13.55 -3.05
N ALA A 50 -17.12 -14.29 -3.73
CA ALA A 50 -16.10 -13.71 -4.59
C ALA A 50 -16.67 -13.38 -5.96
N ASP A 51 -17.66 -14.16 -6.40
CA ASP A 51 -18.23 -14.01 -7.75
C ASP A 51 -19.70 -14.33 -7.59
N ILE A 52 -20.54 -13.32 -7.71
CA ILE A 52 -21.97 -13.47 -7.44
C ILE A 52 -22.62 -14.36 -8.49
N ALA A 53 -22.39 -14.06 -9.76
CA ALA A 53 -22.98 -14.84 -10.86
C ALA A 53 -22.57 -16.30 -10.81
N ALA A 54 -21.29 -16.55 -10.61
CA ALA A 54 -20.79 -17.92 -10.63
C ALA A 54 -21.02 -18.58 -9.27
N ASN A 55 -21.53 -17.81 -8.32
CA ASN A 55 -21.82 -18.31 -6.98
C ASN A 55 -20.58 -18.92 -6.28
N LYS A 56 -19.44 -18.24 -6.43
CA LYS A 56 -18.19 -18.71 -5.83
C LYS A 56 -17.93 -18.05 -4.47
N PRO A 57 -17.75 -18.84 -3.41
CA PRO A 57 -17.48 -18.27 -2.07
C PRO A 57 -16.09 -17.64 -1.96
N VAL A 58 -15.97 -16.58 -1.15
CA VAL A 58 -14.66 -16.10 -0.72
C VAL A 58 -13.97 -17.16 0.12
N THR A 59 -12.71 -17.44 -0.21
CA THR A 59 -11.89 -18.38 0.57
C THR A 59 -10.55 -17.72 0.88
N PRO A 60 -9.67 -18.43 1.60
CA PRO A 60 -8.39 -17.79 1.91
C PRO A 60 -7.45 -17.76 0.70
N GLN A 61 -7.90 -18.33 -0.42
CA GLN A 61 -7.14 -18.33 -1.67
C GLN A 61 -7.66 -17.31 -2.66
N THR A 62 -8.83 -16.76 -2.36
CA THR A 62 -9.45 -15.77 -3.23
C THR A 62 -8.51 -14.60 -3.44
N LEU A 63 -8.28 -14.23 -4.69
CA LEU A 63 -7.49 -13.04 -5.01
C LEU A 63 -8.35 -11.79 -5.06
N PHE A 64 -7.92 -10.77 -4.29
CA PHE A 64 -8.46 -9.42 -4.38
C PHE A 64 -7.48 -8.41 -4.98
N GLU A 65 -8.04 -7.32 -5.51
CA GLU A 65 -7.24 -6.20 -5.99
C GLU A 65 -6.89 -5.29 -4.81
N LEU A 66 -5.61 -5.10 -4.57
CA LEU A 66 -5.15 -4.26 -3.45
C LEU A 66 -5.31 -2.76 -3.69
N GLY A 67 -5.40 -2.35 -4.95
CA GLY A 67 -5.41 -0.93 -5.25
C GLY A 67 -4.14 -0.30 -4.67
N SER A 68 -4.30 0.84 -4.00
CA SER A 68 -3.16 1.59 -3.52
C SER A 68 -2.31 0.92 -2.45
N ILE A 69 -2.76 -0.19 -1.87
CA ILE A 69 -1.91 -0.93 -0.92
C ILE A 69 -0.72 -1.59 -1.62
N SER A 70 -0.77 -1.61 -2.94
CA SER A 70 0.37 -1.97 -3.75
C SER A 70 1.61 -1.13 -3.41
N LYS A 71 1.40 0.11 -3.03
CA LYS A 71 2.51 1.03 -2.78
C LYS A 71 3.39 0.59 -1.60
N THR A 72 2.83 -0.21 -0.70
CA THR A 72 3.63 -0.73 0.42
C THR A 72 4.74 -1.68 -0.11
N PHE A 73 4.40 -2.50 -1.09
CA PHE A 73 5.44 -3.28 -1.79
C PHE A 73 6.47 -2.38 -2.45
N THR A 74 6.00 -1.34 -3.15
CA THR A 74 6.89 -0.43 -3.81
C THR A 74 7.87 0.18 -2.83
N GLY A 75 7.35 0.59 -1.69
CA GLY A 75 8.17 1.24 -0.69
C GLY A 75 9.23 0.29 -0.16
N VAL A 76 8.86 -0.96 0.06
CA VAL A 76 9.77 -1.92 0.63
C VAL A 76 10.81 -2.32 -0.42
N LEU A 77 10.39 -2.45 -1.68
CA LEU A 77 11.36 -2.73 -2.74
C LEU A 77 12.38 -1.59 -2.86
N GLY A 78 11.92 -0.36 -2.83
CA GLY A 78 12.80 0.78 -2.85
C GLY A 78 13.74 0.76 -1.65
N GLY A 79 13.18 0.51 -0.46
CA GLY A 79 14.00 0.38 0.75
C GLY A 79 15.09 -0.68 0.63
N ASP A 80 14.74 -1.80 0.00
CA ASP A 80 15.69 -2.84 -0.25
C ASP A 80 16.83 -2.37 -1.17
N ALA A 81 16.49 -1.66 -2.23
CA ALA A 81 17.50 -1.10 -3.13
C ALA A 81 18.43 -0.14 -2.40
N ILE A 82 17.88 0.68 -1.51
CA ILE A 82 18.72 1.58 -0.69
C ILE A 82 19.70 0.77 0.16
N ALA A 83 19.20 -0.28 0.81
CA ALA A 83 20.00 -1.12 1.69
C ALA A 83 21.06 -1.94 0.94
N ARG A 84 20.83 -2.18 -0.33
CA ARG A 84 21.84 -2.76 -1.23
C ARG A 84 22.90 -1.78 -1.69
N GLY A 85 22.64 -0.48 -1.57
CA GLY A 85 23.61 0.54 -1.97
C GLY A 85 23.38 1.00 -3.40
N GLU A 86 22.27 0.59 -3.98
CA GLU A 86 22.00 0.83 -5.40
C GLU A 86 21.39 2.19 -5.66
N ILE A 87 20.60 2.69 -4.72
N ILE A 87 20.68 2.69 -4.66
CA ILE A 87 20.10 4.04 -4.81
CA ILE A 87 19.99 3.97 -4.75
C ILE A 87 20.19 4.72 -3.46
C ILE A 87 20.21 4.72 -3.45
N SER A 88 20.04 6.04 -3.46
CA SER A 88 19.85 6.81 -2.25
C SER A 88 18.62 7.70 -2.39
N LEU A 89 17.88 7.85 -1.30
CA LEU A 89 16.69 8.73 -1.32
C LEU A 89 17.06 10.18 -1.63
N ASP A 90 18.30 10.59 -1.31
N ASP A 90 18.32 10.53 -1.33
CA ASP A 90 18.69 11.97 -1.60
CA ASP A 90 18.81 11.88 -1.54
C ASP A 90 19.27 12.14 -3.00
C ASP A 90 19.31 12.12 -2.97
N ASP A 91 19.35 11.05 -3.78
CA ASP A 91 19.77 11.19 -5.17
C ASP A 91 18.78 12.04 -5.95
N ALA A 92 19.27 12.80 -6.91
CA ALA A 92 18.40 13.42 -7.93
C ALA A 92 17.62 12.38 -8.74
N VAL A 93 16.40 12.76 -9.13
CA VAL A 93 15.61 11.94 -10.07
C VAL A 93 16.36 11.74 -11.39
N THR A 94 17.07 12.78 -11.83
CA THR A 94 17.75 12.75 -13.11
C THR A 94 18.96 11.82 -13.12
N ARG A 95 19.44 11.39 -11.95
CA ARG A 95 20.50 10.38 -11.89
C ARG A 95 20.02 9.07 -12.51
N TYR A 96 18.73 8.79 -12.39
CA TYR A 96 18.17 7.52 -12.87
C TYR A 96 17.36 7.67 -14.16
N TRP A 97 17.05 8.92 -14.53
CA TRP A 97 16.44 9.23 -15.82
C TRP A 97 17.10 10.47 -16.44
N PRO A 98 18.28 10.28 -17.04
CA PRO A 98 18.99 11.41 -17.60
C PRO A 98 18.25 12.08 -18.75
N GLN A 99 17.33 11.38 -19.41
CA GLN A 99 16.55 11.99 -20.49
C GLN A 99 15.55 13.02 -19.97
N LEU A 100 15.31 13.01 -18.66
CA LEU A 100 14.42 13.98 -18.05
C LEU A 100 15.20 15.28 -17.83
N THR A 101 15.31 16.07 -18.90
CA THR A 101 16.22 17.20 -18.96
C THR A 101 15.57 18.52 -18.52
N GLY A 102 14.25 18.53 -18.33
CA GLY A 102 13.53 19.74 -17.95
C GLY A 102 14.06 20.29 -16.66
N LYS A 103 14.28 21.60 -16.63
CA LYS A 103 14.99 22.21 -15.51
C LYS A 103 14.17 22.30 -14.23
N GLN A 104 12.86 22.07 -14.34
CA GLN A 104 12.00 22.01 -13.17
C GLN A 104 12.33 20.81 -12.29
N TRP A 105 13.06 19.84 -12.85
CA TRP A 105 13.41 18.60 -12.13
C TRP A 105 14.67 18.74 -11.30
N GLN A 106 15.41 19.81 -11.55
CA GLN A 106 16.60 20.09 -10.75
C GLN A 106 16.21 20.35 -9.30
N GLY A 107 16.80 19.58 -8.41
CA GLY A 107 16.56 19.77 -6.98
C GLY A 107 15.44 18.91 -6.45
N ILE A 108 14.84 18.09 -7.32
CA ILE A 108 13.84 17.11 -6.92
C ILE A 108 14.52 15.76 -6.71
N ARG A 109 14.28 15.16 -5.53
CA ARG A 109 14.99 13.94 -5.17
C ARG A 109 14.09 12.73 -5.33
N MET A 110 14.73 11.56 -5.35
CA MET A 110 14.02 10.30 -5.24
C MET A 110 13.08 10.26 -4.05
N LEU A 111 13.50 10.85 -2.94
CA LEU A 111 12.64 10.94 -1.77
C LEU A 111 11.33 11.63 -2.11
N ASP A 112 11.38 12.70 -2.89
CA ASP A 112 10.17 13.47 -3.16
C ASP A 112 9.20 12.65 -4.01
N LEU A 113 9.71 11.95 -5.01
CA LEU A 113 8.88 10.99 -5.73
C LEU A 113 8.24 9.96 -4.80
N ALA A 114 9.03 9.33 -3.95
CA ALA A 114 8.51 8.25 -3.11
C ALA A 114 7.42 8.69 -2.13
N THR A 115 7.46 9.96 -1.71
CA THR A 115 6.65 10.43 -0.59
C THR A 115 5.72 11.57 -0.98
N TYR A 116 5.59 11.81 -2.27
CA TYR A 116 4.56 12.70 -2.84
C TYR A 116 4.85 14.18 -2.63
N THR A 117 6.13 14.54 -2.47
CA THR A 117 6.52 15.91 -2.17
C THR A 117 7.29 16.61 -3.30
N ALA A 118 7.14 16.10 -4.53
CA ALA A 118 7.85 16.66 -5.66
C ALA A 118 7.39 18.08 -5.99
N GLY A 119 6.17 18.44 -5.60
CA GLY A 119 5.64 19.77 -5.83
C GLY A 119 4.38 19.83 -6.70
N GLY A 120 3.51 18.83 -6.56
CA GLY A 120 2.22 18.86 -7.21
C GLY A 120 2.05 17.90 -8.37
N LEU A 121 2.89 16.88 -8.51
CA LEU A 121 2.58 15.81 -9.47
C LEU A 121 1.16 15.31 -9.21
N PRO A 122 0.37 15.13 -10.28
CA PRO A 122 -1.06 14.88 -10.13
C PRO A 122 -1.36 13.45 -9.68
N LEU A 123 -2.57 13.22 -9.19
CA LEU A 123 -2.94 11.92 -8.69
C LEU A 123 -2.64 10.81 -9.71
N GLN A 124 -3.07 11.02 -10.96
CA GLN A 124 -3.04 10.00 -11.97
C GLN A 124 -2.01 10.28 -13.06
N VAL A 125 -1.37 9.23 -13.56
CA VAL A 125 -0.81 9.28 -14.90
C VAL A 125 -1.95 9.36 -15.92
N PRO A 126 -1.93 10.39 -16.77
CA PRO A 126 -3.01 10.53 -17.75
C PRO A 126 -3.17 9.32 -18.62
N ASP A 127 -4.39 9.12 -19.12
CA ASP A 127 -4.71 7.92 -19.87
C ASP A 127 -4.04 7.90 -21.24
N GLU A 128 -3.60 9.04 -21.74
CA GLU A 128 -2.94 9.07 -23.05
C GLU A 128 -1.50 8.61 -22.95
N VAL A 129 -1.05 8.37 -21.72
CA VAL A 129 0.32 7.91 -21.51
C VAL A 129 0.37 6.38 -21.57
N THR A 130 0.93 5.86 -22.65
CA THR A 130 0.79 4.47 -23.01
C THR A 130 2.15 3.85 -23.35
N ASP A 131 3.18 4.68 -23.39
CA ASP A 131 4.51 4.18 -23.64
C ASP A 131 5.56 5.08 -23.02
N ASN A 132 6.82 4.71 -23.24
CA ASN A 132 7.91 5.45 -22.67
C ASN A 132 8.01 6.89 -23.21
N ALA A 133 7.79 7.05 -24.52
CA ALA A 133 7.84 8.39 -25.11
C ALA A 133 6.81 9.32 -24.45
N SER A 134 5.58 8.84 -24.28
CA SER A 134 4.50 9.69 -23.76
C SER A 134 4.59 9.87 -22.22
N LEU A 135 5.18 8.88 -21.55
CA LEU A 135 5.56 9.03 -20.15
C LEU A 135 6.63 10.13 -19.99
N LEU A 136 7.69 10.05 -20.76
CA LEU A 136 8.68 11.14 -20.84
C LEU A 136 8.04 12.51 -21.07
N ARG A 137 7.18 12.63 -22.09
N ARG A 137 7.18 12.63 -22.08
CA ARG A 137 6.57 13.90 -22.41
CA ARG A 137 6.57 13.91 -22.41
C ARG A 137 5.79 14.44 -21.21
C ARG A 137 5.77 14.45 -21.23
N PHE A 138 4.99 13.57 -20.61
CA PHE A 138 4.20 13.91 -19.43
C PHE A 138 5.04 14.54 -18.32
N TYR A 139 6.12 13.90 -17.94
CA TYR A 139 6.97 14.45 -16.88
C TYR A 139 7.75 15.67 -17.34
N GLN A 140 8.11 15.73 -18.62
CA GLN A 140 8.85 16.86 -19.17
C GLN A 140 8.00 18.12 -19.17
N ASN A 141 6.68 17.93 -19.32
CA ASN A 141 5.76 19.04 -19.52
C ASN A 141 5.10 19.47 -18.23
N TRP A 142 5.29 18.66 -17.19
CA TRP A 142 4.74 18.96 -15.88
C TRP A 142 5.38 20.21 -15.27
N GLN A 143 4.54 21.11 -14.79
CA GLN A 143 4.98 22.35 -14.15
C GLN A 143 4.56 22.32 -12.69
N PRO A 144 5.53 22.22 -11.78
CA PRO A 144 5.24 22.12 -10.34
C PRO A 144 4.54 23.35 -9.81
N GLN A 145 3.46 23.15 -9.04
CA GLN A 145 2.77 24.24 -8.37
C GLN A 145 3.52 24.69 -7.12
N TRP A 146 4.34 23.81 -6.56
CA TRP A 146 5.11 24.13 -5.35
C TRP A 146 6.57 23.72 -5.49
N LYS A 147 7.40 24.32 -4.65
CA LYS A 147 8.78 23.88 -4.53
C LYS A 147 8.83 22.48 -3.89
N PRO A 148 9.90 21.74 -4.16
CA PRO A 148 10.01 20.39 -3.66
C PRO A 148 10.11 20.38 -2.14
N GLY A 149 9.46 19.40 -1.51
CA GLY A 149 9.57 19.22 -0.09
C GLY A 149 8.83 20.25 0.74
N THR A 150 7.72 20.74 0.22
CA THR A 150 6.92 21.74 0.91
C THR A 150 5.47 21.33 1.01
N THR A 151 5.01 20.53 0.06
CA THR A 151 3.61 20.14 -0.06
C THR A 151 3.46 18.65 -0.43
N ARG A 152 2.67 17.93 0.36
CA ARG A 152 2.28 16.55 0.06
C ARG A 152 0.98 16.50 -0.73
N LEU A 153 1.06 15.97 -1.94
CA LEU A 153 -0.12 15.64 -2.70
C LEU A 153 -0.02 14.17 -3.11
N TYR A 154 -0.84 13.33 -2.49
CA TYR A 154 -0.87 11.91 -2.77
C TYR A 154 -0.99 11.67 -4.28
N ALA A 155 -0.05 10.89 -4.85
CA ALA A 155 0.00 10.79 -6.29
C ALA A 155 0.58 9.46 -6.78
N ASN A 156 -0.20 8.72 -7.56
CA ASN A 156 0.29 7.55 -8.26
C ASN A 156 1.42 7.91 -9.22
N ALA A 157 1.34 9.09 -9.82
CA ALA A 157 2.34 9.53 -10.80
C ALA A 157 3.69 9.80 -10.13
N SER A 158 3.65 10.04 -8.82
CA SER A 158 4.84 10.32 -8.02
C SER A 158 5.54 9.01 -7.55
N ILE A 159 4.90 8.25 -6.67
CA ILE A 159 5.49 6.96 -6.25
C ILE A 159 5.67 5.96 -7.41
N GLY A 160 4.79 6.00 -8.40
CA GLY A 160 4.88 5.14 -9.57
C GLY A 160 6.22 5.34 -10.25
N LEU A 161 6.61 6.59 -10.44
CA LEU A 161 7.88 6.89 -11.04
C LEU A 161 9.01 6.50 -10.12
N PHE A 162 8.87 6.75 -8.82
CA PHE A 162 9.92 6.34 -7.88
C PHE A 162 10.22 4.86 -8.04
N GLY A 163 9.15 4.06 -8.12
CA GLY A 163 9.27 2.61 -8.23
C GLY A 163 9.99 2.16 -9.49
N ALA A 164 9.61 2.74 -10.62
CA ALA A 164 10.23 2.41 -11.90
C ALA A 164 11.73 2.77 -11.91
N LEU A 165 12.08 3.91 -11.32
CA LEU A 165 13.47 4.34 -11.29
C LEU A 165 14.31 3.59 -10.26
N ALA A 166 13.71 3.22 -9.14
CA ALA A 166 14.46 2.54 -8.09
C ALA A 166 15.07 1.22 -8.53
N VAL A 167 14.47 0.54 -9.49
CA VAL A 167 14.98 -0.74 -9.89
C VAL A 167 16.03 -0.64 -10.99
N LYS A 168 16.25 0.55 -11.54
CA LYS A 168 17.07 0.67 -12.75
C LYS A 168 18.54 0.20 -12.55
N PRO A 169 19.12 0.49 -11.39
CA PRO A 169 20.49 -0.01 -11.22
C PRO A 169 20.60 -1.53 -11.12
N SER A 170 19.56 -2.18 -10.60
CA SER A 170 19.51 -3.65 -10.58
C SER A 170 19.63 -4.28 -11.95
N GLY A 171 19.14 -3.59 -12.98
CA GLY A 171 19.08 -4.14 -14.34
C GLY A 171 17.86 -4.99 -14.61
N MET A 172 17.04 -5.20 -13.57
CA MET A 172 15.85 -6.05 -13.69
C MET A 172 14.62 -5.20 -13.98
N PRO A 173 13.68 -5.72 -14.79
CA PRO A 173 12.40 -5.05 -14.82
C PRO A 173 11.75 -5.03 -13.44
N TYR A 174 10.84 -4.09 -13.24
CA TYR A 174 10.16 -3.94 -11.97
C TYR A 174 9.56 -5.24 -11.42
N GLU A 175 8.72 -5.90 -12.20
CA GLU A 175 8.01 -7.09 -11.75
C GLU A 175 8.99 -8.14 -11.26
N GLN A 176 10.05 -8.35 -12.02
CA GLN A 176 11.04 -9.36 -11.69
C GLN A 176 11.82 -8.98 -10.43
N ALA A 177 12.16 -7.70 -10.28
CA ALA A 177 12.87 -7.23 -9.09
C ALA A 177 12.02 -7.49 -7.85
N MET A 178 10.72 -7.27 -7.98
CA MET A 178 9.83 -7.44 -6.84
C MET A 178 9.74 -8.91 -6.43
N THR A 179 9.61 -9.78 -7.42
CA THR A 179 9.50 -11.21 -7.21
C THR A 179 10.79 -11.78 -6.58
N THR A 180 11.94 -11.41 -7.12
CA THR A 180 13.20 -11.99 -6.68
C THR A 180 13.65 -11.41 -5.33
N ARG A 181 13.33 -10.15 -5.09
CA ARG A 181 13.89 -9.45 -3.93
C ARG A 181 12.90 -9.30 -2.76
N VAL A 182 11.60 -9.45 -3.00
CA VAL A 182 10.60 -9.24 -1.95
C VAL A 182 9.64 -10.43 -1.80
N LEU A 183 8.97 -10.81 -2.88
CA LEU A 183 7.94 -11.86 -2.81
C LEU A 183 8.52 -13.23 -2.45
N LYS A 184 9.52 -13.67 -3.21
CA LYS A 184 10.07 -15.02 -3.04
C LYS A 184 10.74 -15.23 -1.68
N PRO A 185 11.52 -14.23 -1.24
CA PRO A 185 12.11 -14.39 0.08
C PRO A 185 11.08 -14.51 1.18
N LEU A 186 9.93 -13.86 1.00
CA LEU A 186 8.88 -13.85 2.01
C LEU A 186 7.83 -14.92 1.74
N LYS A 187 8.08 -15.73 0.73
CA LYS A 187 7.20 -16.84 0.36
C LYS A 187 5.77 -16.35 0.06
N LEU A 188 5.70 -15.20 -0.59
CA LEU A 188 4.45 -14.65 -1.07
C LEU A 188 4.25 -15.11 -2.49
N ASP A 189 3.80 -16.35 -2.64
CA ASP A 189 3.86 -17.05 -3.91
C ASP A 189 2.53 -16.98 -4.65
N HIS A 190 1.56 -16.28 -4.07
CA HIS A 190 0.26 -16.07 -4.70
C HIS A 190 -0.07 -14.58 -4.70
N THR A 191 0.95 -13.79 -5.01
CA THR A 191 0.83 -12.33 -5.09
C THR A 191 1.29 -11.90 -6.49
N TRP A 192 0.38 -11.30 -7.23
CA TRP A 192 0.54 -11.17 -8.65
C TRP A 192 0.27 -9.75 -9.13
N ILE A 193 1.02 -9.39 -10.15
CA ILE A 193 0.76 -8.20 -10.91
C ILE A 193 -0.02 -8.68 -12.14
N ASN A 194 0.42 -9.79 -12.72
CA ASN A 194 -0.36 -10.50 -13.74
C ASN A 194 -0.83 -11.89 -13.27
N VAL A 195 -2.13 -12.13 -13.20
CA VAL A 195 -2.65 -13.41 -12.69
C VAL A 195 -2.41 -14.56 -13.67
N PRO A 196 -1.57 -15.53 -13.28
CA PRO A 196 -1.39 -16.62 -14.25
C PRO A 196 -2.67 -17.39 -14.60
N LYS A 197 -2.71 -17.96 -15.78
CA LYS A 197 -3.85 -18.81 -16.19
C LYS A 197 -4.31 -19.71 -15.06
N ALA A 198 -3.35 -20.40 -14.47
CA ALA A 198 -3.68 -21.49 -13.55
C ALA A 198 -4.35 -20.98 -12.27
N GLU A 199 -4.21 -19.68 -12.02
N GLU A 199 -4.20 -19.69 -11.97
CA GLU A 199 -4.65 -19.05 -10.76
CA GLU A 199 -4.74 -19.16 -10.72
C GLU A 199 -5.98 -18.32 -10.94
C GLU A 199 -5.94 -18.24 -10.95
N GLU A 200 -6.42 -18.20 -12.19
CA GLU A 200 -7.55 -17.35 -12.54
C GLU A 200 -8.85 -17.70 -11.83
N ALA A 201 -9.02 -18.98 -11.51
CA ALA A 201 -10.18 -19.47 -10.78
C ALA A 201 -10.36 -18.77 -9.46
N HIS A 202 -9.24 -18.30 -8.89
CA HIS A 202 -9.23 -17.76 -7.54
C HIS A 202 -9.50 -16.25 -7.54
N TYR A 203 -9.44 -15.64 -8.72
CA TYR A 203 -9.57 -14.19 -8.87
C TYR A 203 -11.03 -13.76 -8.66
N ALA A 204 -11.28 -12.99 -7.61
CA ALA A 204 -12.63 -12.47 -7.37
C ALA A 204 -13.05 -11.49 -8.46
N TRP A 205 -14.35 -11.25 -8.61
CA TRP A 205 -14.78 -10.08 -9.35
C TRP A 205 -15.00 -8.95 -8.37
N GLY A 206 -14.71 -7.74 -8.81
CA GLY A 206 -15.11 -6.56 -8.04
C GLY A 206 -16.52 -6.14 -8.39
N TYR A 207 -17.16 -5.42 -7.48
CA TYR A 207 -18.54 -5.00 -7.72
C TYR A 207 -18.74 -3.53 -7.47
N ARG A 208 -19.47 -2.90 -8.40
CA ARG A 208 -19.83 -1.49 -8.28
C ARG A 208 -21.25 -1.28 -8.81
N ASP A 209 -22.12 -0.76 -7.94
CA ASP A 209 -23.53 -0.55 -8.27
C ASP A 209 -24.10 -1.77 -8.98
N GLY A 210 -23.71 -2.94 -8.51
CA GLY A 210 -24.18 -4.18 -9.12
C GLY A 210 -23.44 -4.74 -10.32
N LYS A 211 -22.55 -3.97 -10.97
CA LYS A 211 -21.78 -4.46 -12.11
C LYS A 211 -20.52 -5.16 -11.60
N ALA A 212 -20.19 -6.31 -12.16
CA ALA A 212 -18.87 -6.91 -11.99
C ALA A 212 -17.82 -6.10 -12.74
N VAL A 213 -16.72 -5.75 -12.08
CA VAL A 213 -15.60 -5.11 -12.77
C VAL A 213 -14.27 -5.55 -12.20
N ARG A 214 -13.25 -5.51 -13.03
CA ARG A 214 -11.89 -5.72 -12.58
C ARG A 214 -11.04 -4.57 -13.08
N VAL A 215 -9.87 -4.40 -12.50
CA VAL A 215 -9.00 -3.28 -12.84
C VAL A 215 -8.41 -3.46 -14.24
N SER A 216 -8.27 -2.35 -14.96
CA SER A 216 -7.65 -2.34 -16.29
C SER A 216 -6.16 -2.00 -16.19
N PRO A 217 -5.39 -2.35 -17.23
CA PRO A 217 -3.98 -1.93 -17.31
C PRO A 217 -3.82 -0.43 -17.37
N GLY A 218 -2.73 0.07 -16.80
CA GLY A 218 -2.41 1.47 -16.85
C GLY A 218 -0.91 1.65 -16.67
N MET A 219 -0.39 2.77 -17.15
CA MET A 219 1.02 3.05 -16.97
C MET A 219 1.42 3.21 -15.50
N LEU A 220 2.47 2.49 -15.12
CA LEU A 220 2.97 2.44 -13.76
C LEU A 220 1.94 1.84 -12.80
N ASP A 221 1.04 1.01 -13.31
CA ASP A 221 0.07 0.33 -12.45
C ASP A 221 0.70 -0.59 -11.39
N ALA A 222 1.75 -1.31 -11.76
CA ALA A 222 2.32 -2.31 -10.82
C ALA A 222 2.86 -1.60 -9.56
N GLN A 223 3.44 -0.41 -9.78
CA GLN A 223 4.03 0.38 -8.71
C GLN A 223 3.00 1.04 -7.82
N ALA A 224 1.82 1.34 -8.37
CA ALA A 224 0.87 2.20 -7.65
C ALA A 224 -0.40 1.52 -7.19
N TYR A 225 -0.97 0.62 -8.00
CA TYR A 225 -2.30 0.15 -7.70
C TYR A 225 -2.70 -1.20 -8.26
N GLY A 226 -1.75 -1.97 -8.78
CA GLY A 226 -2.07 -3.10 -9.65
C GLY A 226 -1.96 -4.49 -9.06
N VAL A 227 -1.52 -4.60 -7.80
CA VAL A 227 -1.22 -5.89 -7.20
C VAL A 227 -2.51 -6.63 -6.86
N LYS A 228 -2.51 -7.94 -7.06
CA LYS A 228 -3.60 -8.79 -6.62
C LYS A 228 -3.00 -9.86 -5.70
N THR A 229 -3.73 -10.19 -4.63
CA THR A 229 -3.23 -11.16 -3.66
C THR A 229 -4.38 -11.77 -2.88
N ASN A 230 -4.08 -12.85 -2.17
CA ASN A 230 -5.04 -13.43 -1.24
C ASN A 230 -4.77 -13.02 0.21
N VAL A 231 -5.70 -13.38 1.09
CA VAL A 231 -5.62 -12.96 2.47
C VAL A 231 -4.43 -13.57 3.22
N GLN A 232 -4.00 -14.74 2.78
CA GLN A 232 -2.87 -15.41 3.38
C GLN A 232 -1.56 -14.69 3.09
N ASP A 233 -1.30 -14.43 1.83
CA ASP A 233 -0.10 -13.68 1.50
C ASP A 233 -0.14 -12.29 2.14
N MET A 234 -1.32 -11.68 2.18
CA MET A 234 -1.39 -10.34 2.80
C MET A 234 -1.15 -10.40 4.31
N ALA A 235 -1.64 -11.43 4.97
CA ALA A 235 -1.39 -11.57 6.41
C ALA A 235 0.12 -11.73 6.65
N ASN A 236 0.78 -12.50 5.80
CA ASN A 236 2.20 -12.76 5.96
C ASN A 236 3.07 -11.56 5.54
N TRP A 237 2.55 -10.77 4.60
CA TRP A 237 3.16 -9.48 4.29
C TRP A 237 3.12 -8.55 5.48
N VAL A 238 1.98 -8.49 6.15
CA VAL A 238 1.86 -7.68 7.35
C VAL A 238 2.77 -8.18 8.45
N MET A 239 2.85 -9.50 8.63
CA MET A 239 3.72 -10.02 9.67
C MET A 239 5.17 -9.66 9.44
N ALA A 240 5.64 -9.70 8.18
CA ALA A 240 7.02 -9.34 7.90
C ALA A 240 7.25 -7.86 8.18
N ASN A 241 6.25 -7.02 7.88
CA ASN A 241 6.40 -5.57 8.12
C ASN A 241 6.23 -5.22 9.60
N MET A 242 5.42 -6.00 10.30
CA MET A 242 5.25 -5.85 11.76
C MET A 242 6.50 -6.29 12.55
N ALA A 243 7.15 -7.34 12.09
CA ALA A 243 8.22 -8.01 12.84
C ALA A 243 9.37 -8.33 11.90
N PRO A 244 10.04 -7.29 11.36
CA PRO A 244 11.14 -7.48 10.43
C PRO A 244 12.32 -8.26 11.01
N GLU A 245 12.41 -8.31 12.34
CA GLU A 245 13.49 -9.02 13.00
C GLU A 245 13.47 -10.49 12.60
N ASN A 246 12.32 -10.98 12.15
CA ASN A 246 12.22 -12.38 11.73
C ASN A 246 12.53 -12.60 10.25
N VAL A 247 12.80 -11.51 9.53
CA VAL A 247 13.17 -11.62 8.13
C VAL A 247 14.67 -11.85 8.01
N ALA A 248 15.04 -12.89 7.29
CA ALA A 248 16.41 -13.38 7.23
C ALA A 248 17.31 -12.49 6.38
N ASP A 249 16.82 -12.09 5.21
CA ASP A 249 17.65 -11.43 4.22
C ASP A 249 17.94 -10.01 4.69
N ALA A 250 19.22 -9.71 4.84
CA ALA A 250 19.64 -8.49 5.56
C ALA A 250 19.17 -7.20 4.87
N SER A 251 19.26 -7.14 3.53
CA SER A 251 18.84 -5.94 2.82
C SER A 251 17.32 -5.78 2.87
N LEU A 252 16.60 -6.89 2.81
CA LEU A 252 15.15 -6.83 2.88
C LEU A 252 14.68 -6.42 4.26
N LYS A 253 15.29 -6.98 5.29
CA LYS A 253 15.07 -6.52 6.68
C LYS A 253 15.23 -5.01 6.80
N GLN A 254 16.34 -4.48 6.28
CA GLN A 254 16.58 -3.04 6.34
C GLN A 254 15.59 -2.27 5.50
N GLY A 255 15.19 -2.85 4.37
CA GLY A 255 14.28 -2.18 3.46
C GLY A 255 12.88 -2.03 4.08
N ILE A 256 12.51 -2.99 4.91
CA ILE A 256 11.23 -2.91 5.59
C ILE A 256 11.30 -1.76 6.60
N ALA A 257 12.42 -1.66 7.33
CA ALA A 257 12.62 -0.55 8.26
C ALA A 257 12.55 0.80 7.53
N LEU A 258 13.16 0.90 6.36
CA LEU A 258 13.24 2.16 5.65
C LEU A 258 11.85 2.61 5.18
N ALA A 259 10.98 1.65 4.87
CA ALA A 259 9.63 1.98 4.41
C ALA A 259 8.72 2.49 5.54
N GLN A 260 9.07 2.17 6.79
CA GLN A 260 8.31 2.60 7.96
C GLN A 260 9.03 3.72 8.69
N SER A 261 10.10 4.21 8.09
CA SER A 261 10.78 5.35 8.67
C SER A 261 9.93 6.57 8.37
N ARG A 262 10.03 7.59 9.22
CA ARG A 262 9.27 8.83 9.04
C ARG A 262 10.12 9.87 8.33
N TYR A 263 9.62 10.32 7.18
CA TYR A 263 10.32 11.29 6.33
C TYR A 263 9.68 12.68 6.40
N TRP A 264 8.38 12.72 6.65
CA TRP A 264 7.66 13.96 6.74
C TRP A 264 6.54 13.82 7.76
N ARG A 265 6.24 14.93 8.41
CA ARG A 265 5.08 15.07 9.26
C ARG A 265 4.03 15.90 8.54
N ILE A 266 2.82 15.36 8.46
CA ILE A 266 1.67 16.08 7.89
C ILE A 266 0.50 16.08 8.86
N GLY A 267 0.38 17.14 9.65
CA GLY A 267 -0.46 17.13 10.86
C GLY A 267 -0.11 16.01 11.82
N SER A 268 -1.08 15.12 12.02
CA SER A 268 -0.92 14.02 12.98
C SER A 268 -0.55 12.69 12.32
N MET A 269 -0.24 12.74 11.02
CA MET A 269 0.27 11.58 10.31
C MET A 269 1.69 11.80 9.78
N TYR A 270 2.40 10.68 9.60
CA TYR A 270 3.77 10.68 9.13
C TYR A 270 3.85 9.83 7.90
N GLN A 271 4.56 10.33 6.89
CA GLN A 271 4.76 9.60 5.65
C GLN A 271 6.03 8.74 5.63
N GLY A 272 5.83 7.44 5.39
CA GLY A 272 6.91 6.54 5.09
C GLY A 272 7.03 6.28 3.60
N LEU A 273 7.63 5.16 3.25
CA LEU A 273 7.65 4.72 1.87
C LEU A 273 6.46 3.78 1.60
N GLY A 274 5.40 4.35 1.04
CA GLY A 274 4.13 3.67 0.84
C GLY A 274 3.28 3.60 2.12
N TRP A 275 3.84 3.00 3.17
CA TRP A 275 3.21 3.04 4.49
C TRP A 275 3.00 4.47 4.99
N GLU A 276 1.92 4.64 5.72
CA GLU A 276 1.68 5.82 6.54
C GLU A 276 1.57 5.46 8.01
N MET A 277 1.98 6.37 8.87
CA MET A 277 2.04 6.09 10.29
C MET A 277 1.44 7.24 11.10
N LEU A 278 0.82 6.88 12.22
CA LEU A 278 0.50 7.80 13.31
C LEU A 278 1.07 7.23 14.62
N ASN A 279 1.50 8.09 15.53
CA ASN A 279 1.98 7.65 16.86
C ASN A 279 0.88 6.87 17.59
N TRP A 280 1.25 5.74 18.20
CA TRP A 280 0.35 5.02 19.11
C TRP A 280 0.66 5.42 20.55
N PRO A 281 -0.33 5.73 21.38
CA PRO A 281 -1.75 5.48 21.11
C PRO A 281 -2.37 6.56 20.23
N VAL A 282 -3.27 6.14 19.35
N VAL A 282 -3.30 6.15 19.37
CA VAL A 282 -4.13 7.09 18.63
CA VAL A 282 -4.11 7.09 18.59
C VAL A 282 -5.59 6.71 18.79
C VAL A 282 -5.58 6.73 18.73
N GLU A 283 -6.42 7.75 18.86
CA GLU A 283 -7.87 7.62 18.99
C GLU A 283 -8.50 7.25 17.64
N ALA A 284 -9.62 6.55 17.66
CA ALA A 284 -10.27 6.21 16.40
C ALA A 284 -10.56 7.44 15.55
N ASN A 285 -11.13 8.49 16.13
CA ASN A 285 -11.56 9.65 15.35
C ASN A 285 -10.40 10.30 14.56
N THR A 286 -9.22 10.31 15.14
CA THR A 286 -8.06 10.84 14.45
C THR A 286 -7.79 10.10 13.13
N VAL A 287 -7.76 8.77 13.21
CA VAL A 287 -7.41 7.95 12.06
C VAL A 287 -8.56 7.91 11.05
N VAL A 288 -9.78 7.83 11.56
CA VAL A 288 -10.95 7.87 10.71
C VAL A 288 -11.05 9.15 9.87
N GLU A 289 -10.96 10.30 10.51
CA GLU A 289 -11.20 11.54 9.79
C GLU A 289 -10.02 11.89 8.89
N GLY A 290 -8.85 11.33 9.21
CA GLY A 290 -7.71 11.38 8.30
C GLY A 290 -7.88 10.57 7.03
N SER A 291 -8.78 9.59 7.05
CA SER A 291 -8.94 8.69 5.92
C SER A 291 -10.01 9.18 4.94
N ASP A 292 -10.71 10.23 5.31
CA ASP A 292 -11.66 10.85 4.41
C ASP A 292 -10.98 11.35 3.14
N SER A 293 -11.54 11.02 1.98
CA SER A 293 -11.10 11.61 0.71
C SER A 293 -10.67 13.05 0.79
N LYS A 294 -11.52 13.89 1.39
CA LYS A 294 -11.28 15.33 1.42
C LYS A 294 -9.92 15.66 2.00
N VAL A 295 -9.53 14.91 3.04
CA VAL A 295 -8.20 15.06 3.63
C VAL A 295 -7.15 14.26 2.85
N ALA A 296 -7.47 13.04 2.47
CA ALA A 296 -6.47 12.15 1.90
C ALA A 296 -5.97 12.65 0.52
N LEU A 297 -6.82 13.35 -0.22
CA LEU A 297 -6.44 13.80 -1.55
C LEU A 297 -5.96 15.26 -1.59
N ALA A 298 -5.98 15.94 -0.46
CA ALA A 298 -5.64 17.36 -0.42
C ALA A 298 -4.13 17.57 -0.52
N PRO A 299 -3.71 18.69 -1.13
CA PRO A 299 -2.39 19.23 -0.93
C PRO A 299 -2.25 19.84 0.47
N LEU A 300 -1.32 19.31 1.24
CA LEU A 300 -1.11 19.77 2.60
C LEU A 300 0.38 20.08 2.83
N PRO A 301 0.68 21.04 3.71
CA PRO A 301 2.09 21.31 3.97
C PRO A 301 2.78 20.19 4.73
N VAL A 302 4.07 20.04 4.48
CA VAL A 302 4.89 19.08 5.17
C VAL A 302 5.92 19.73 6.09
N ALA A 303 6.28 19.01 7.13
CA ALA A 303 7.43 19.32 7.94
C ALA A 303 8.44 18.21 7.78
N GLU A 304 9.65 18.54 7.33
CA GLU A 304 10.67 17.53 7.09
C GLU A 304 11.07 16.83 8.40
N VAL A 305 11.27 15.51 8.35
CA VAL A 305 11.99 14.81 9.41
C VAL A 305 13.40 14.50 8.89
N ASN A 306 14.38 15.26 9.37
CA ASN A 306 15.75 15.13 8.90
C ASN A 306 16.68 15.10 10.11
N PRO A 307 17.51 14.07 10.23
CA PRO A 307 17.43 12.85 9.44
C PRO A 307 16.09 12.12 9.59
N PRO A 308 15.73 11.29 8.60
CA PRO A 308 14.49 10.52 8.79
C PRO A 308 14.56 9.69 10.05
N ALA A 309 13.43 9.61 10.75
CA ALA A 309 13.34 8.86 12.00
C ALA A 309 13.16 7.38 11.64
N PRO A 310 14.02 6.52 12.20
CA PRO A 310 13.84 5.09 12.04
C PRO A 310 12.52 4.62 12.65
N PRO A 311 12.09 3.39 12.29
CA PRO A 311 10.77 2.94 12.69
C PRO A 311 10.50 3.10 14.18
N VAL A 312 9.31 3.63 14.48
CA VAL A 312 8.82 3.77 15.83
C VAL A 312 7.86 2.61 16.04
N LYS A 313 8.22 1.70 16.95
N LYS A 313 8.24 1.70 16.94
CA LYS A 313 7.38 0.56 17.26
CA LYS A 313 7.40 0.56 17.27
C LYS A 313 5.98 0.99 17.66
C LYS A 313 5.99 0.98 17.67
N ALA A 314 5.90 1.99 18.53
CA ALA A 314 4.59 2.52 18.95
C ALA A 314 4.02 3.40 17.85
N SER A 315 3.62 2.74 16.76
CA SER A 315 2.96 3.39 15.63
C SER A 315 1.72 2.61 15.22
N TRP A 316 0.70 3.33 14.81
CA TRP A 316 -0.37 2.74 14.00
C TRP A 316 0.07 2.87 12.54
N VAL A 317 0.45 1.76 11.95
CA VAL A 317 1.02 1.73 10.59
C VAL A 317 -0.06 1.20 9.67
N HIS A 318 -0.38 1.90 8.59
CA HIS A 318 -1.57 1.54 7.81
C HIS A 318 -1.52 1.99 6.35
N LYS A 319 -2.41 1.43 5.54
CA LYS A 319 -2.62 1.89 4.18
C LYS A 319 -4.01 1.49 3.69
N THR A 320 -4.69 2.46 3.06
CA THR A 320 -5.96 2.22 2.36
C THR A 320 -5.68 1.91 0.88
N GLY A 321 -6.49 1.09 0.26
CA GLY A 321 -6.38 0.87 -1.19
C GLY A 321 -7.69 0.46 -1.84
N SER A 322 -7.94 0.96 -3.04
CA SER A 322 -9.22 0.76 -3.71
C SER A 322 -8.92 0.64 -5.17
N THR A 323 -9.77 -0.07 -5.89
CA THR A 323 -9.89 0.04 -7.33
C THR A 323 -11.36 0.26 -7.60
N GLY A 324 -11.77 0.20 -8.86
CA GLY A 324 -13.17 0.42 -9.18
C GLY A 324 -14.09 -0.51 -8.41
N GLY A 325 -13.67 -1.76 -8.22
CA GLY A 325 -14.57 -2.77 -7.66
C GLY A 325 -14.14 -3.37 -6.32
N PHE A 326 -13.04 -2.89 -5.76
CA PHE A 326 -12.43 -3.50 -4.56
C PHE A 326 -12.07 -2.45 -3.53
N GLY A 327 -12.15 -2.82 -2.27
CA GLY A 327 -11.88 -1.90 -1.18
C GLY A 327 -11.16 -2.65 -0.10
N SER A 328 -9.97 -2.18 0.24
CA SER A 328 -9.11 -2.90 1.18
C SER A 328 -8.46 -1.97 2.20
N TYR A 329 -8.05 -2.55 3.31
CA TYR A 329 -7.36 -1.80 4.35
C TYR A 329 -6.46 -2.71 5.13
N VAL A 330 -5.30 -2.18 5.53
N VAL A 330 -5.29 -2.21 5.51
CA VAL A 330 -4.36 -2.89 6.39
CA VAL A 330 -4.38 -2.92 6.40
C VAL A 330 -3.89 -1.94 7.47
C VAL A 330 -3.83 -1.97 7.45
N ALA A 331 -3.75 -2.44 8.70
CA ALA A 331 -3.17 -1.68 9.80
C ALA A 331 -2.46 -2.62 10.76
N PHE A 332 -1.37 -2.14 11.36
CA PHE A 332 -0.75 -2.91 12.43
C PHE A 332 -0.02 -2.02 13.39
N ILE A 333 0.25 -2.57 14.55
CA ILE A 333 0.90 -1.85 15.66
C ILE A 333 2.09 -2.69 16.14
N PRO A 334 3.31 -2.32 15.71
CA PRO A 334 4.45 -3.18 16.02
C PRO A 334 4.69 -3.34 17.50
N GLU A 335 4.52 -2.27 18.28
CA GLU A 335 4.65 -2.39 19.72
C GLU A 335 3.83 -3.52 20.34
N LYS A 336 2.59 -3.68 19.87
CA LYS A 336 1.66 -4.63 20.45
C LYS A 336 1.65 -5.97 19.69
N GLN A 337 2.36 -6.04 18.57
N GLN A 337 2.33 -5.99 18.54
CA GLN A 337 2.36 -7.25 17.73
CA GLN A 337 2.37 -7.19 17.69
C GLN A 337 0.95 -7.68 17.35
C GLN A 337 0.96 -7.66 17.36
N ILE A 338 0.11 -6.73 16.93
CA ILE A 338 -1.21 -7.08 16.43
C ILE A 338 -1.41 -6.35 15.11
N GLY A 339 -2.27 -6.89 14.26
CA GLY A 339 -2.50 -6.30 12.96
C GLY A 339 -3.75 -6.87 12.34
N ILE A 340 -4.18 -6.26 11.25
CA ILE A 340 -5.42 -6.65 10.61
C ILE A 340 -5.37 -6.35 9.11
N VAL A 341 -5.92 -7.30 8.35
CA VAL A 341 -6.09 -7.18 6.90
C VAL A 341 -7.58 -7.31 6.60
N MET A 342 -8.15 -6.34 5.88
CA MET A 342 -9.52 -6.44 5.39
C MET A 342 -9.58 -6.25 3.86
N LEU A 343 -9.88 -7.33 3.14
CA LEU A 343 -10.00 -7.32 1.69
C LEU A 343 -11.48 -7.47 1.34
N ALA A 344 -11.97 -6.56 0.51
CA ALA A 344 -13.36 -6.60 0.06
C ALA A 344 -13.51 -6.39 -1.45
N ASN A 345 -14.53 -7.00 -2.03
CA ASN A 345 -14.82 -6.80 -3.46
C ASN A 345 -15.95 -5.79 -3.67
N THR A 346 -15.86 -4.70 -2.93
CA THR A 346 -16.53 -3.44 -3.28
C THR A 346 -15.82 -2.27 -2.60
N SER A 347 -15.75 -1.15 -3.30
CA SER A 347 -15.09 0.01 -2.75
C SER A 347 -16.04 0.87 -1.91
N TYR A 348 -15.98 0.65 -0.61
CA TYR A 348 -16.85 1.35 0.34
C TYR A 348 -15.99 2.34 1.14
N PRO A 349 -16.65 3.30 1.80
CA PRO A 349 -15.91 4.47 2.24
C PRO A 349 -14.77 4.15 3.21
N ASN A 350 -13.65 4.80 3.02
CA ASN A 350 -12.49 4.58 3.86
C ASN A 350 -12.76 4.72 5.35
N PRO A 351 -13.53 5.74 5.76
CA PRO A 351 -13.81 5.85 7.20
C PRO A 351 -14.43 4.60 7.82
N ALA A 352 -15.22 3.88 7.02
CA ALA A 352 -15.91 2.72 7.49
C ALA A 352 -14.93 1.55 7.62
N ARG A 353 -13.90 1.52 6.76
CA ARG A 353 -12.84 0.53 6.87
C ARG A 353 -12.07 0.73 8.17
N VAL A 354 -11.64 1.97 8.38
CA VAL A 354 -10.87 2.30 9.56
C VAL A 354 -11.62 2.03 10.86
N GLU A 355 -12.89 2.40 10.92
CA GLU A 355 -13.68 2.27 12.16
C GLU A 355 -13.80 0.78 12.54
N ALA A 356 -14.05 -0.03 11.54
CA ALA A 356 -14.18 -1.47 11.73
C ALA A 356 -12.84 -2.11 12.15
N ALA A 357 -11.76 -1.74 11.47
CA ALA A 357 -10.45 -2.23 11.81
C ALA A 357 -10.00 -1.83 13.23
N TYR A 358 -10.28 -0.59 13.60
CA TYR A 358 -9.89 -0.09 14.92
C TYR A 358 -10.65 -0.81 16.02
N HIS A 359 -11.94 -1.04 15.80
CA HIS A 359 -12.79 -1.70 16.80
C HIS A 359 -12.28 -3.13 17.03
N ILE A 360 -11.94 -3.83 15.95
CA ILE A 360 -11.47 -5.19 16.07
C ILE A 360 -10.14 -5.24 16.80
N LEU A 361 -9.21 -4.35 16.45
CA LEU A 361 -7.91 -4.35 17.11
C LEU A 361 -8.02 -3.90 18.57
N GLU A 362 -9.00 -3.04 18.87
CA GLU A 362 -9.27 -2.60 20.23
C GLU A 362 -9.53 -3.81 21.13
N ALA A 363 -10.16 -4.84 20.58
CA ALA A 363 -10.55 -6.00 21.35
C ALA A 363 -9.32 -6.76 21.85
N LEU A 364 -8.16 -6.49 21.25
CA LEU A 364 -6.93 -7.25 21.53
C LEU A 364 -5.97 -6.49 22.48
O8 PXH B . -6.26 3.11 -3.76
C7 PXH B . -5.48 3.92 -4.25
N4 PXH B . -5.25 5.82 -2.79
C3 PXH B . -6.53 6.12 -2.11
C11 PXH B . -6.36 5.89 -0.63
O13 PXH B . -7.37 5.54 0.03
O12 PXH B . -5.23 6.04 -0.13
C2 PXH B . -6.91 7.56 -2.47
C10 PXH B . -6.05 8.52 -1.65
C9 PXH B . -8.39 7.83 -2.29
S1 PXH B . -6.46 7.70 -4.17
C5 PXH B . -5.37 6.30 -4.19
C6 PXH B . -5.94 5.14 -4.97
C15 PXH B . -5.97 4.02 -7.24
C17 PXH B . -5.50 4.20 -8.69
C14 PXH B . -5.40 5.15 -6.39
O14 PXH B . -5.77 6.42 -6.94
C1 PXH B . -6.23 3.34 -9.68
C4 PXH B . -6.23 3.28 -11.08
C8 PXH B . -7.10 2.28 -11.58
C12 PXH B . -7.77 1.55 -10.58
S13 PXH B . -7.35 2.18 -9.04
#